data_4NDM
#
_entry.id   4NDM
#
_cell.length_a   110.078
_cell.length_b   142.213
_cell.length_c   77.684
_cell.angle_alpha   90.00
_cell.angle_beta   90.00
_cell.angle_gamma   90.00
#
_symmetry.space_group_name_H-M   'C 2 2 21'
#
loop_
_entity.id
_entity.type
_entity.pdbx_description
1 polymer 'T-cell gamma protein,T-cell receptor beta-2 chain C region'
2 polymer 'Human nkt tcr alpha chain'
3 water water
#
loop_
_entity_poly.entity_id
_entity_poly.type
_entity_poly.pdbx_seq_one_letter_code
_entity_poly.pdbx_strand_id
1 'polypeptide(L)'
;ADPSSNLEGGTKSVTRPTRSSAEITCDLTVINAFYIHWYLHQEGKAPQRLLYYDVSNSKDVLESGLSPGKYYTHTPRRWS
WILILRNLIENDSGVYYCATWDRNNKKLFGSGTTLVVTEDLKNVFPPEVAVFEPSEAEISHTQKATLVCLATGFYPDHVE
LSWWVNGKEVHSGVCTDPQPLKEQPALNDSRYALSSRLRVSATFWQNPRNHFRCQVQFYGLSENDEWTQDRAKPVTQIVS
AEAWGRADSRGGLEVLFQ
;
A
2 'polypeptide(L)'
;ADLSQQGEEDPAQKVTQAQSSVSMPVRKAVTLNCLYETSWWSYYIFWYKQLPSKEMIFLIRQGSDEQNAKSGRYSVNFKK
AAKSVALTISALQLEDSAKYFCALGDQILYWGLSHTDKLIFGKGTRVTVEPNIQNPDPAVYQLRDSKSSDKSVCLFTDFD
SQTNVSQSKDSDVYITDKCVLDMRSMDFKSNSAVAWSNKSDFACANAFNNSIIPEDTFFPSPESSSRGGLEVLFQ
;
B
#
# COMPACT_ATOMS: atom_id res chain seq x y z
N THR A 11 8.77 -6.77 -4.53
CA THR A 11 7.32 -6.83 -4.70
C THR A 11 6.93 -6.93 -6.18
N LYS A 12 6.23 -7.99 -6.54
CA LYS A 12 5.86 -8.24 -7.93
C LYS A 12 4.35 -8.24 -8.14
N SER A 13 3.94 -7.96 -9.38
CA SER A 13 2.53 -7.93 -9.74
C SER A 13 2.24 -8.95 -10.83
N VAL A 14 1.20 -9.75 -10.62
CA VAL A 14 0.80 -10.76 -11.60
C VAL A 14 -0.70 -10.70 -11.87
N THR A 15 -1.06 -10.61 -13.16
CA THR A 15 -2.46 -10.60 -13.55
C THR A 15 -2.75 -11.79 -14.46
N ARG A 16 -3.73 -12.62 -14.06
CA ARG A 16 -4.06 -13.84 -14.78
C ARG A 16 -5.57 -14.02 -14.93
N PRO A 17 -6.00 -14.60 -16.06
CA PRO A 17 -7.42 -14.92 -16.28
C PRO A 17 -7.84 -16.14 -15.47
N THR A 18 -9.14 -16.34 -15.30
CA THR A 18 -9.66 -17.49 -14.57
C THR A 18 -9.39 -18.79 -15.32
N ARG A 19 -9.43 -19.90 -14.59
CA ARG A 19 -9.27 -21.24 -15.16
C ARG A 19 -7.90 -21.44 -15.81
N SER A 20 -6.91 -20.70 -15.33
CA SER A 20 -5.55 -20.80 -15.86
C SER A 20 -4.56 -21.05 -14.73
N SER A 21 -3.27 -21.02 -15.05
CA SER A 21 -2.23 -21.24 -14.05
C SER A 21 -1.42 -19.97 -13.78
N ALA A 22 -0.90 -19.86 -12.56
CA ALA A 22 -0.07 -18.73 -12.18
C ALA A 22 1.16 -19.19 -11.42
N GLU A 23 2.26 -18.44 -11.56
CA GLU A 23 3.49 -18.75 -10.87
C GLU A 23 3.86 -17.63 -9.91
N ILE A 24 4.10 -18.00 -8.65
CA ILE A 24 4.50 -17.04 -7.63
C ILE A 24 5.93 -17.33 -7.19
N THR A 25 6.81 -16.35 -7.35
CA THR A 25 8.23 -16.54 -7.05
C THR A 25 8.60 -16.13 -5.63
N CYS A 26 9.45 -16.91 -5.00
CA CYS A 26 9.95 -16.61 -3.67
C CYS A 26 11.36 -16.04 -3.74
N ASP A 27 11.51 -14.77 -3.33
CA ASP A 27 12.78 -14.09 -3.40
C ASP A 27 13.55 -14.19 -2.08
N LEU A 28 12.98 -14.91 -1.12
CA LEU A 28 13.56 -15.02 0.22
C LEU A 28 14.88 -15.77 0.22
N THR A 29 15.85 -15.23 0.95
CA THR A 29 17.16 -15.87 1.07
C THR A 29 17.20 -16.72 2.34
N VAL A 30 17.31 -18.03 2.18
CA VAL A 30 17.22 -18.96 3.29
C VAL A 30 18.56 -19.57 3.67
N ILE A 31 18.96 -19.38 4.92
CA ILE A 31 20.23 -19.93 5.42
C ILE A 31 20.16 -21.45 5.53
N ASN A 32 19.16 -21.94 6.26
CA ASN A 32 18.94 -23.37 6.39
C ASN A 32 17.59 -23.74 5.79
N ALA A 33 17.61 -24.48 4.68
CA ALA A 33 16.37 -24.78 3.96
C ALA A 33 15.78 -26.10 4.40
N PHE A 34 14.63 -26.03 5.07
CA PHE A 34 13.95 -27.21 5.60
C PHE A 34 12.50 -27.20 5.16
N TYR A 35 11.76 -26.19 5.62
CA TYR A 35 10.35 -26.05 5.29
C TYR A 35 10.03 -24.64 4.81
N ILE A 36 9.47 -24.54 3.61
CA ILE A 36 9.10 -23.25 3.03
C ILE A 36 7.59 -23.05 3.06
N HIS A 37 7.15 -22.11 3.89
CA HIS A 37 5.73 -21.86 4.11
C HIS A 37 5.15 -20.86 3.12
N TRP A 38 3.91 -21.09 2.70
CA TRP A 38 3.22 -20.19 1.80
C TRP A 38 1.99 -19.56 2.47
N TYR A 39 1.95 -18.23 2.47
CA TYR A 39 0.84 -17.50 3.07
C TYR A 39 0.09 -16.70 2.03
N LEU A 40 -1.19 -16.42 2.32
CA LEU A 40 -2.01 -15.59 1.45
C LEU A 40 -2.67 -14.48 2.25
N HIS A 41 -2.52 -13.25 1.77
CA HIS A 41 -3.18 -12.11 2.42
C HIS A 41 -4.20 -11.47 1.49
N GLN A 42 -5.47 -11.54 1.86
CA GLN A 42 -6.53 -10.90 1.11
C GLN A 42 -7.03 -9.67 1.87
N GLU A 43 -7.38 -8.63 1.13
CA GLU A 43 -7.80 -7.36 1.72
C GLU A 43 -8.99 -7.53 2.66
N GLY A 44 -8.88 -6.94 3.84
CA GLY A 44 -9.95 -7.01 4.84
C GLY A 44 -10.00 -8.34 5.56
N LYS A 45 -9.02 -9.20 5.32
CA LYS A 45 -8.96 -10.50 5.96
C LYS A 45 -7.60 -10.74 6.61
N ALA A 46 -7.53 -11.74 7.47
CA ALA A 46 -6.29 -12.10 8.13
C ALA A 46 -5.44 -13.00 7.24
N PRO A 47 -4.12 -12.77 7.23
CA PRO A 47 -3.19 -13.64 6.51
C PRO A 47 -3.24 -15.06 7.06
N GLN A 48 -3.13 -16.06 6.20
CA GLN A 48 -3.19 -17.45 6.63
C GLN A 48 -2.31 -18.33 5.76
N ARG A 49 -1.70 -19.33 6.38
CA ARG A 49 -0.84 -20.26 5.65
C ARG A 49 -1.68 -21.23 4.84
N LEU A 50 -1.43 -21.27 3.53
CA LEU A 50 -2.09 -22.23 2.66
C LEU A 50 -1.42 -23.60 2.73
N LEU A 51 -0.10 -23.60 2.78
CA LEU A 51 0.67 -24.85 2.80
C LEU A 51 2.12 -24.60 3.16
N TYR A 52 2.91 -25.67 3.20
CA TYR A 52 4.35 -25.55 3.29
C TYR A 52 5.02 -26.68 2.52
N TYR A 53 6.26 -26.45 2.12
CA TYR A 53 7.00 -27.40 1.32
C TYR A 53 8.07 -28.09 2.15
N ASP A 54 8.11 -29.42 2.07
CA ASP A 54 9.14 -30.18 2.77
C ASP A 54 10.29 -30.32 1.79
N VAL A 55 11.40 -29.65 2.06
CA VAL A 55 12.52 -29.60 1.13
C VAL A 55 13.22 -30.95 1.02
N SER A 56 13.44 -31.60 2.15
CA SER A 56 14.12 -32.89 2.18
C SER A 56 13.33 -33.97 1.45
N ASN A 57 12.02 -34.04 1.73
CA ASN A 57 11.17 -35.06 1.14
C ASN A 57 10.56 -34.63 -0.18
N SER A 58 10.71 -33.35 -0.51
CA SER A 58 10.18 -32.77 -1.74
C SER A 58 8.69 -33.05 -1.91
N LYS A 59 7.87 -32.52 -1.00
CA LYS A 59 6.44 -32.73 -1.07
C LYS A 59 5.64 -31.60 -0.42
N ASP A 60 4.35 -31.56 -0.75
CA ASP A 60 3.47 -30.50 -0.28
C ASP A 60 2.56 -30.93 0.86
N VAL A 61 2.55 -30.14 1.93
CA VAL A 61 1.64 -30.38 3.03
C VAL A 61 0.57 -29.29 3.05
N LEU A 62 -0.65 -29.67 2.69
CA LEU A 62 -1.75 -28.73 2.54
C LEU A 62 -2.61 -28.66 3.79
N GLU A 63 -3.12 -27.47 4.09
CA GLU A 63 -4.05 -27.29 5.19
C GLU A 63 -5.36 -28.00 4.88
N SER A 64 -6.11 -28.32 5.93
CA SER A 64 -7.39 -29.01 5.77
C SER A 64 -8.40 -28.16 5.00
N GLY A 65 -9.09 -28.79 4.07
CA GLY A 65 -10.10 -28.10 3.28
C GLY A 65 -9.61 -27.73 1.89
N LEU A 66 -8.32 -27.92 1.64
CA LEU A 66 -7.75 -27.57 0.35
C LEU A 66 -7.69 -28.76 -0.60
N SER A 67 -8.00 -28.52 -1.87
CA SER A 67 -7.98 -29.56 -2.88
C SER A 67 -6.56 -29.90 -3.29
N PRO A 68 -6.22 -31.21 -3.27
CA PRO A 68 -4.91 -31.68 -3.76
C PRO A 68 -4.71 -31.29 -5.22
N GLY A 69 -3.51 -30.85 -5.57
CA GLY A 69 -3.20 -30.48 -6.94
C GLY A 69 -3.39 -29.00 -7.21
N LYS A 70 -4.14 -28.32 -6.33
CA LYS A 70 -4.36 -26.89 -6.47
C LYS A 70 -3.06 -26.12 -6.35
N TYR A 71 -2.31 -26.41 -5.29
CA TYR A 71 -1.03 -25.74 -5.06
C TYR A 71 0.14 -26.69 -5.27
N TYR A 72 1.13 -26.23 -6.03
CA TYR A 72 2.33 -27.00 -6.29
C TYR A 72 3.54 -26.07 -6.24
N THR A 73 4.52 -26.43 -5.42
CA THR A 73 5.74 -25.64 -5.35
C THR A 73 6.88 -26.32 -6.10
N HIS A 74 7.35 -25.64 -7.14
CA HIS A 74 8.41 -26.17 -8.00
C HIS A 74 9.77 -25.69 -7.54
N THR A 75 10.77 -26.55 -7.66
CA THR A 75 12.13 -26.24 -7.22
C THR A 75 13.12 -26.44 -8.36
N PRO A 76 13.23 -25.44 -9.26
CA PRO A 76 14.14 -25.52 -10.41
C PRO A 76 15.61 -25.55 -10.02
N ARG A 77 15.99 -24.73 -9.04
CA ARG A 77 17.38 -24.68 -8.58
C ARG A 77 17.46 -25.07 -7.12
N ARG A 78 18.65 -25.01 -6.55
CA ARG A 78 18.84 -25.39 -5.16
C ARG A 78 18.11 -24.46 -4.20
N TRP A 79 18.34 -23.15 -4.35
CA TRP A 79 17.75 -22.16 -3.46
C TRP A 79 16.46 -21.54 -4.00
N SER A 80 16.00 -22.02 -5.14
CA SER A 80 14.82 -21.45 -5.80
C SER A 80 13.53 -22.18 -5.45
N TRP A 81 12.47 -21.40 -5.17
CA TRP A 81 11.15 -21.97 -4.90
C TRP A 81 10.04 -21.14 -5.55
N ILE A 82 9.18 -21.81 -6.31
CA ILE A 82 8.08 -21.14 -6.99
C ILE A 82 6.77 -21.88 -6.75
N LEU A 83 5.75 -21.16 -6.31
CA LEU A 83 4.44 -21.76 -6.07
C LEU A 83 3.55 -21.64 -7.31
N ILE A 84 3.03 -22.78 -7.76
CA ILE A 84 2.17 -22.81 -8.93
C ILE A 84 0.72 -23.07 -8.53
N LEU A 85 -0.20 -22.29 -9.10
CA LEU A 85 -1.63 -22.44 -8.82
C LEU A 85 -2.36 -22.96 -10.05
N ARG A 86 -3.38 -23.78 -9.83
CA ARG A 86 -4.18 -24.36 -10.90
C ARG A 86 -5.62 -23.86 -10.81
N ASN A 87 -6.32 -23.86 -11.94
CA ASN A 87 -7.73 -23.48 -12.00
C ASN A 87 -8.02 -22.19 -11.24
N LEU A 88 -7.44 -21.09 -11.73
CA LEU A 88 -7.55 -19.81 -11.05
C LEU A 88 -8.99 -19.31 -10.98
N ILE A 89 -9.37 -18.87 -9.78
CA ILE A 89 -10.67 -18.23 -9.58
C ILE A 89 -10.39 -16.86 -8.99
N GLU A 90 -11.38 -15.97 -9.03
CA GLU A 90 -11.20 -14.61 -8.54
C GLU A 90 -10.88 -14.56 -7.04
N ASN A 91 -11.20 -15.63 -6.33
CA ASN A 91 -10.93 -15.70 -4.90
C ASN A 91 -9.48 -16.08 -4.60
N ASP A 92 -8.74 -16.43 -5.64
CA ASP A 92 -7.31 -16.71 -5.51
C ASP A 92 -6.52 -15.40 -5.46
N SER A 93 -7.19 -14.30 -5.80
CA SER A 93 -6.56 -12.99 -5.81
C SER A 93 -6.10 -12.57 -4.42
N GLY A 94 -4.90 -11.99 -4.35
CA GLY A 94 -4.36 -11.53 -3.09
C GLY A 94 -2.85 -11.42 -3.11
N VAL A 95 -2.26 -11.19 -1.95
CA VAL A 95 -0.81 -11.10 -1.82
C VAL A 95 -0.24 -12.42 -1.30
N TYR A 96 0.67 -13.01 -2.07
CA TYR A 96 1.26 -14.28 -1.70
C TYR A 96 2.68 -14.12 -1.17
N TYR A 97 2.92 -14.64 0.04
CA TYR A 97 4.23 -14.56 0.66
C TYR A 97 4.87 -15.95 0.75
N CYS A 98 6.19 -15.99 0.69
CA CYS A 98 6.94 -17.17 1.07
C CYS A 98 7.60 -16.89 2.41
N ALA A 99 7.66 -17.90 3.27
CA ALA A 99 8.18 -17.69 4.62
C ALA A 99 8.99 -18.87 5.15
N THR A 100 9.89 -18.57 6.08
CA THR A 100 10.69 -19.60 6.74
C THR A 100 11.05 -19.17 8.16
N TRP A 101 11.20 -20.14 9.04
CA TRP A 101 11.67 -19.88 10.39
C TRP A 101 13.19 -19.71 10.36
N ASP A 102 13.72 -18.97 11.34
CA ASP A 102 15.17 -18.80 11.44
C ASP A 102 15.65 -19.14 12.84
N ARG A 103 16.97 -19.26 12.98
CA ARG A 103 17.60 -19.56 14.27
C ARG A 103 17.16 -18.60 15.38
N ASN A 104 16.82 -17.38 14.99
CA ASN A 104 16.40 -16.34 15.93
C ASN A 104 15.00 -16.52 16.51
N ASN A 105 14.30 -17.55 16.06
CA ASN A 105 12.89 -17.77 16.39
C ASN A 105 12.03 -16.63 15.86
N LYS A 106 12.24 -16.29 14.60
CA LYS A 106 11.45 -15.29 13.90
C LYS A 106 11.06 -15.88 12.55
N LYS A 107 9.87 -15.53 12.06
CA LYS A 107 9.46 -16.02 10.75
C LYS A 107 9.59 -14.91 9.71
N LEU A 108 10.54 -15.08 8.80
CA LEU A 108 10.83 -14.08 7.78
C LEU A 108 9.98 -14.29 6.53
N PHE A 109 9.43 -13.19 6.02
CA PHE A 109 8.60 -13.23 4.82
C PHE A 109 9.27 -12.47 3.69
N GLY A 110 9.74 -13.18 2.67
CA GLY A 110 10.37 -12.52 1.54
C GLY A 110 9.38 -11.73 0.70
N SER A 111 9.63 -10.42 0.59
CA SER A 111 8.88 -9.52 -0.29
C SER A 111 7.37 -9.75 -0.25
N GLY A 112 6.80 -9.96 -1.45
CA GLY A 112 5.42 -10.35 -1.61
C GLY A 112 5.03 -10.22 -3.07
N THR A 113 3.94 -10.85 -3.47
CA THR A 113 3.45 -10.69 -4.83
C THR A 113 1.93 -10.61 -4.82
N THR A 114 1.39 -9.58 -5.48
CA THR A 114 -0.05 -9.40 -5.54
C THR A 114 -0.60 -10.08 -6.77
N LEU A 115 -1.60 -10.94 -6.56
CA LEU A 115 -2.24 -11.64 -7.66
C LEU A 115 -3.64 -11.09 -7.88
N VAL A 116 -3.99 -10.90 -9.14
CA VAL A 116 -5.35 -10.50 -9.50
C VAL A 116 -5.90 -11.40 -10.58
N VAL A 117 -6.99 -12.09 -10.27
CA VAL A 117 -7.63 -13.00 -11.21
C VAL A 117 -8.94 -12.41 -11.70
N THR A 118 -9.09 -12.31 -13.02
CA THR A 118 -10.31 -11.76 -13.60
C THR A 118 -10.96 -12.75 -14.56
N GLU A 119 -12.29 -12.76 -14.60
CA GLU A 119 -13.02 -13.64 -15.51
C GLU A 119 -12.78 -13.23 -16.96
N ASP A 120 -13.03 -11.96 -17.26
CA ASP A 120 -12.79 -11.44 -18.60
C ASP A 120 -11.47 -10.69 -18.63
N LEU A 121 -10.58 -11.10 -19.53
CA LEU A 121 -9.30 -10.42 -19.71
C LEU A 121 -9.51 -9.04 -20.34
N LYS A 122 -10.74 -8.75 -20.74
CA LYS A 122 -11.07 -7.46 -21.31
C LYS A 122 -11.17 -6.35 -20.25
N ASN A 123 -11.04 -6.74 -18.99
CA ASN A 123 -11.15 -5.80 -17.88
C ASN A 123 -9.85 -5.02 -17.59
N VAL A 124 -8.76 -5.42 -18.22
CA VAL A 124 -7.48 -4.75 -18.00
C VAL A 124 -7.30 -3.53 -18.91
N PHE A 125 -7.03 -2.38 -18.30
CA PHE A 125 -6.82 -1.16 -19.06
C PHE A 125 -5.52 -0.46 -18.63
N PRO A 126 -4.78 0.09 -19.58
CA PRO A 126 -3.58 0.89 -19.30
C PRO A 126 -3.97 2.26 -18.77
N PRO A 127 -3.14 2.85 -17.91
CA PRO A 127 -3.43 4.17 -17.33
C PRO A 127 -3.26 5.29 -18.34
N GLU A 128 -4.14 6.28 -18.28
CA GLU A 128 -3.96 7.52 -19.04
C GLU A 128 -3.41 8.58 -18.10
N VAL A 129 -2.16 8.98 -18.34
CA VAL A 129 -1.49 9.92 -17.45
C VAL A 129 -1.57 11.35 -17.97
N ALA A 130 -1.72 12.30 -17.04
CA ALA A 130 -1.76 13.71 -17.38
C ALA A 130 -1.02 14.53 -16.32
N VAL A 131 -0.15 15.42 -16.77
CA VAL A 131 0.60 16.29 -15.87
C VAL A 131 -0.02 17.69 -15.85
N PHE A 132 -0.24 18.22 -14.65
CA PHE A 132 -0.93 19.49 -14.50
C PHE A 132 0.00 20.59 -13.95
N GLU A 133 0.11 21.68 -14.69
CA GLU A 133 0.99 22.79 -14.32
C GLU A 133 0.50 23.52 -13.07
N PRO A 134 1.44 23.91 -12.19
CA PRO A 134 1.16 24.62 -10.94
C PRO A 134 0.40 25.93 -11.12
N SER A 135 -0.45 26.25 -10.16
CA SER A 135 -1.22 27.50 -10.19
C SER A 135 -0.32 28.68 -9.89
N GLU A 136 -0.48 29.75 -10.66
CA GLU A 136 0.31 30.96 -10.48
C GLU A 136 0.03 31.62 -9.14
N ALA A 137 -1.15 31.34 -8.57
CA ALA A 137 -1.55 31.87 -7.29
C ALA A 137 -0.65 31.35 -6.17
N GLU A 138 -0.46 30.04 -6.13
CA GLU A 138 0.38 29.42 -5.12
C GLU A 138 1.84 29.81 -5.30
N ILE A 139 2.22 30.04 -6.55
CA ILE A 139 3.57 30.50 -6.86
C ILE A 139 3.82 31.87 -6.23
N SER A 140 2.80 32.73 -6.28
CA SER A 140 2.90 34.05 -5.66
C SER A 140 2.68 34.00 -4.15
N HIS A 141 1.62 33.32 -3.73
CA HIS A 141 1.23 33.29 -2.32
C HIS A 141 2.17 32.48 -1.45
N THR A 142 2.37 31.20 -1.81
CA THR A 142 3.21 30.31 -1.02
C THR A 142 4.69 30.42 -1.39
N GLN A 143 4.96 30.96 -2.58
CA GLN A 143 6.30 31.02 -3.15
C GLN A 143 6.84 29.65 -3.57
N LYS A 144 6.05 28.60 -3.33
CA LYS A 144 6.38 27.26 -3.80
C LYS A 144 5.32 26.78 -4.79
N ALA A 145 5.77 26.18 -5.89
CA ALA A 145 4.86 25.69 -6.93
C ALA A 145 4.59 24.20 -6.77
N THR A 146 3.32 23.83 -6.78
CA THR A 146 2.93 22.43 -6.63
C THR A 146 2.43 21.85 -7.94
N LEU A 147 3.01 20.73 -8.35
CA LEU A 147 2.69 20.10 -9.63
C LEU A 147 2.01 18.76 -9.42
N VAL A 148 0.95 18.49 -10.19
CA VAL A 148 0.14 17.30 -9.99
C VAL A 148 0.02 16.42 -11.24
N CYS A 149 0.29 15.13 -11.07
CA CYS A 149 0.09 14.14 -12.13
C CYS A 149 -0.93 13.11 -11.68
N LEU A 150 -1.86 12.77 -12.56
CA LEU A 150 -2.86 11.76 -12.25
C LEU A 150 -3.11 10.78 -13.40
N ALA A 151 -3.08 9.49 -13.07
CA ALA A 151 -3.40 8.44 -14.02
C ALA A 151 -4.82 7.96 -13.79
N THR A 152 -5.56 7.75 -14.87
CA THR A 152 -6.96 7.35 -14.76
C THR A 152 -7.29 6.16 -15.64
N GLY A 153 -8.39 5.49 -15.30
CA GLY A 153 -8.91 4.39 -16.09
C GLY A 153 -7.96 3.23 -16.27
N PHE A 154 -7.38 2.77 -15.16
CA PHE A 154 -6.48 1.61 -15.22
C PHE A 154 -6.92 0.47 -14.31
N TYR A 155 -6.84 -0.74 -14.85
CA TYR A 155 -7.10 -1.95 -14.09
C TYR A 155 -6.06 -2.98 -14.52
N PRO A 156 -5.54 -3.79 -13.59
CA PRO A 156 -5.84 -3.83 -12.15
C PRO A 156 -5.10 -2.76 -11.35
N ASP A 157 -5.18 -2.89 -10.03
CA ASP A 157 -4.61 -1.92 -9.09
C ASP A 157 -3.10 -1.73 -9.23
N HIS A 158 -2.42 -2.67 -9.86
CA HIS A 158 -0.96 -2.63 -9.86
C HIS A 158 -0.46 -1.46 -10.69
N VAL A 159 0.25 -0.54 -10.04
CA VAL A 159 0.80 0.65 -10.69
C VAL A 159 2.02 1.14 -9.88
N GLU A 160 3.02 1.66 -10.57
CA GLU A 160 4.14 2.31 -9.90
C GLU A 160 4.40 3.69 -10.50
N LEU A 161 4.21 4.73 -9.69
CA LEU A 161 4.39 6.11 -10.17
C LEU A 161 5.72 6.68 -9.70
N SER A 162 6.48 7.25 -10.63
CA SER A 162 7.79 7.81 -10.33
C SER A 162 7.99 9.16 -10.99
N TRP A 163 8.55 10.11 -10.24
CA TRP A 163 8.84 11.44 -10.76
C TRP A 163 10.24 11.51 -11.36
N TRP A 164 10.34 12.12 -12.54
CA TRP A 164 11.63 12.24 -13.21
C TRP A 164 11.94 13.68 -13.58
N VAL A 165 12.99 14.22 -12.99
CA VAL A 165 13.41 15.60 -13.24
C VAL A 165 14.76 15.66 -13.94
N ASN A 166 14.77 16.27 -15.13
CA ASN A 166 15.98 16.43 -15.92
C ASN A 166 16.69 15.12 -16.24
N GLY A 167 15.92 14.03 -16.30
CA GLY A 167 16.47 12.72 -16.60
C GLY A 167 16.89 11.95 -15.36
N LYS A 168 16.53 12.47 -14.20
CA LYS A 168 16.84 11.81 -12.93
C LYS A 168 15.62 11.71 -12.04
N GLU A 169 15.54 10.63 -11.27
CA GLU A 169 14.39 10.40 -10.40
C GLU A 169 14.53 11.14 -9.07
N VAL A 170 13.44 11.78 -8.65
CA VAL A 170 13.44 12.53 -7.40
C VAL A 170 12.41 11.98 -6.43
N HIS A 171 12.88 11.43 -5.32
CA HIS A 171 12.00 10.86 -4.30
C HIS A 171 11.63 11.90 -3.23
N SER A 172 12.28 13.06 -3.30
CA SER A 172 12.06 14.12 -2.32
C SER A 172 11.11 15.18 -2.85
N GLY A 173 10.22 15.67 -1.98
CA GLY A 173 9.25 16.68 -2.36
C GLY A 173 8.12 16.09 -3.19
N VAL A 174 7.95 14.78 -3.08
CA VAL A 174 6.91 14.08 -3.83
C VAL A 174 6.04 13.23 -2.91
N CYS A 175 4.76 13.15 -3.22
CA CYS A 175 3.83 12.35 -2.43
C CYS A 175 2.75 11.71 -3.32
N THR A 176 2.42 10.46 -3.02
CA THR A 176 1.43 9.72 -3.79
C THR A 176 0.41 9.07 -2.86
N ASP A 177 -0.83 8.97 -3.32
CA ASP A 177 -1.89 8.33 -2.55
C ASP A 177 -1.53 6.87 -2.28
N PRO A 178 -1.75 6.42 -1.03
CA PRO A 178 -1.41 5.06 -0.60
C PRO A 178 -2.09 3.99 -1.47
N GLN A 179 -3.38 4.17 -1.74
CA GLN A 179 -4.10 3.28 -2.64
C GLN A 179 -5.00 4.07 -3.57
N PRO A 180 -5.09 3.63 -4.84
CA PRO A 180 -5.86 4.31 -5.90
C PRO A 180 -7.35 4.40 -5.58
N LEU A 181 -8.02 5.35 -6.22
CA LEU A 181 -9.47 5.50 -6.09
C LEU A 181 -10.20 4.51 -6.98
N LYS A 182 -11.53 4.56 -6.91
CA LYS A 182 -12.36 3.75 -7.79
C LYS A 182 -13.26 4.67 -8.61
N GLU A 183 -13.04 4.69 -9.93
CA GLU A 183 -13.81 5.54 -10.82
C GLU A 183 -15.30 5.18 -10.78
N GLN A 184 -15.59 3.90 -10.60
CA GLN A 184 -16.96 3.42 -10.47
C GLN A 184 -17.09 2.56 -9.22
N PRO A 185 -17.45 3.18 -8.08
CA PRO A 185 -17.57 2.50 -6.79
C PRO A 185 -18.59 1.36 -6.79
N ALA A 186 -19.50 1.39 -7.77
CA ALA A 186 -20.55 0.39 -7.84
C ALA A 186 -20.06 -0.95 -8.42
N LEU A 187 -19.00 -0.89 -9.22
CA LEU A 187 -18.50 -2.08 -9.90
C LEU A 187 -17.26 -2.65 -9.22
N ASN A 188 -17.19 -3.98 -9.12
CA ASN A 188 -16.06 -4.65 -8.49
C ASN A 188 -14.83 -4.69 -9.40
N ASP A 189 -15.08 -4.79 -10.71
CA ASP A 189 -14.00 -4.86 -11.70
C ASP A 189 -13.67 -3.48 -12.27
N SER A 190 -14.28 -2.45 -11.69
CA SER A 190 -14.10 -1.07 -12.17
C SER A 190 -12.67 -0.60 -12.17
N ARG A 191 -12.35 0.30 -13.11
CA ARG A 191 -11.00 0.83 -13.26
C ARG A 191 -10.61 1.69 -12.05
N TYR A 192 -9.31 1.90 -11.89
CA TYR A 192 -8.78 2.66 -10.77
C TYR A 192 -8.23 4.01 -11.21
N ALA A 193 -8.24 4.98 -10.30
CA ALA A 193 -7.65 6.28 -10.55
C ALA A 193 -6.68 6.65 -9.43
N LEU A 194 -5.49 7.11 -9.81
CA LEU A 194 -4.46 7.47 -8.84
C LEU A 194 -3.87 8.85 -9.13
N SER A 195 -3.56 9.59 -8.08
CA SER A 195 -2.98 10.92 -8.22
C SER A 195 -1.70 11.06 -7.41
N SER A 196 -0.77 11.88 -7.91
CA SER A 196 0.48 12.14 -7.23
C SER A 196 0.84 13.62 -7.27
N ARG A 197 1.73 14.04 -6.37
CA ARG A 197 2.09 15.44 -6.24
C ARG A 197 3.60 15.64 -6.22
N LEU A 198 4.07 16.71 -6.85
CA LEU A 198 5.47 17.09 -6.79
C LEU A 198 5.61 18.58 -6.49
N ARG A 199 6.35 18.90 -5.44
CA ARG A 199 6.47 20.28 -4.98
C ARG A 199 7.91 20.78 -5.04
N VAL A 200 8.13 21.86 -5.78
CA VAL A 200 9.45 22.47 -5.90
C VAL A 200 9.36 23.98 -5.71
N SER A 201 10.52 24.61 -5.53
CA SER A 201 10.58 26.06 -5.39
C SER A 201 10.12 26.75 -6.67
N ALA A 202 9.57 27.95 -6.53
CA ALA A 202 9.04 28.69 -7.67
C ALA A 202 10.14 29.01 -8.70
N THR A 203 11.31 29.36 -8.21
CA THR A 203 12.44 29.70 -9.09
C THR A 203 12.89 28.50 -9.90
N PHE A 204 12.72 27.30 -9.33
CA PHE A 204 13.10 26.07 -10.01
C PHE A 204 12.05 25.71 -11.05
N TRP A 205 10.79 26.00 -10.75
CA TRP A 205 9.69 25.72 -11.67
C TRP A 205 9.68 26.72 -12.82
N GLN A 206 10.12 27.94 -12.54
CA GLN A 206 10.06 29.00 -13.54
C GLN A 206 11.21 28.93 -14.54
N ASN A 207 12.09 27.96 -14.36
CA ASN A 207 13.17 27.71 -15.29
C ASN A 207 12.73 26.73 -16.38
N PRO A 208 12.57 27.23 -17.62
CA PRO A 208 12.04 26.44 -18.74
C PRO A 208 12.96 25.29 -19.16
N ARG A 209 14.23 25.37 -18.78
CA ARG A 209 15.20 24.32 -19.13
C ARG A 209 14.95 23.07 -18.30
N ASN A 210 14.40 23.27 -17.10
CA ASN A 210 14.02 22.16 -16.23
C ASN A 210 12.93 21.30 -16.84
N HIS A 211 13.18 20.01 -16.91
CA HIS A 211 12.23 19.07 -17.50
C HIS A 211 11.54 18.23 -16.42
N PHE A 212 10.22 18.18 -16.47
CA PHE A 212 9.44 17.42 -15.50
C PHE A 212 8.64 16.33 -16.19
N ARG A 213 8.82 15.08 -15.74
CA ARG A 213 8.11 13.96 -16.33
C ARG A 213 7.51 13.04 -15.27
N CYS A 214 6.21 12.79 -15.40
CA CYS A 214 5.51 11.86 -14.51
C CYS A 214 5.48 10.48 -15.16
N GLN A 215 6.19 9.53 -14.56
CA GLN A 215 6.30 8.19 -15.12
C GLN A 215 5.48 7.18 -14.34
N VAL A 216 4.71 6.36 -15.05
CA VAL A 216 3.85 5.37 -14.41
C VAL A 216 4.08 3.96 -14.97
N GLN A 217 4.53 3.05 -14.10
CA GLN A 217 4.71 1.67 -14.50
C GLN A 217 3.42 0.89 -14.28
N PHE A 218 2.98 0.20 -15.33
CA PHE A 218 1.74 -0.58 -15.28
C PHE A 218 2.04 -2.04 -15.57
N TYR A 219 1.35 -2.94 -14.89
CA TYR A 219 1.56 -4.37 -15.12
C TYR A 219 0.36 -5.01 -15.79
N GLY A 220 0.53 -5.33 -17.07
CA GLY A 220 -0.52 -5.89 -17.90
C GLY A 220 -0.31 -7.34 -18.30
N LEU A 221 -0.88 -7.68 -19.45
CA LEU A 221 -0.75 -9.00 -20.07
C LEU A 221 0.69 -9.25 -20.53
N SER A 222 1.01 -10.52 -20.76
CA SER A 222 2.34 -10.88 -21.26
C SER A 222 2.26 -11.35 -22.69
N GLU A 223 3.41 -11.72 -23.26
CA GLU A 223 3.47 -12.17 -24.65
C GLU A 223 2.76 -13.50 -24.84
N ASN A 224 2.67 -14.28 -23.77
CA ASN A 224 1.99 -15.57 -23.81
C ASN A 224 0.47 -15.41 -23.79
N ASP A 225 -0.01 -14.29 -23.28
CA ASP A 225 -1.43 -14.01 -23.22
C ASP A 225 -2.00 -13.72 -24.61
N GLU A 226 -3.16 -14.29 -24.89
CA GLU A 226 -3.80 -14.11 -26.20
C GLU A 226 -4.81 -12.97 -26.16
N TRP A 227 -4.72 -12.07 -27.14
CA TRP A 227 -5.63 -10.94 -27.22
C TRP A 227 -6.25 -10.88 -28.61
N THR A 228 -7.55 -11.15 -28.68
CA THR A 228 -8.28 -11.15 -29.96
C THR A 228 -9.04 -9.85 -30.19
N GLN A 229 -8.97 -8.95 -29.23
CA GLN A 229 -9.76 -7.72 -29.30
C GLN A 229 -9.22 -6.69 -30.30
N ASP A 230 -10.13 -5.82 -30.73
CA ASP A 230 -9.83 -4.82 -31.75
C ASP A 230 -8.81 -3.79 -31.27
N ARG A 231 -8.90 -3.41 -30.01
CA ARG A 231 -8.06 -2.30 -29.52
C ARG A 231 -6.63 -2.77 -29.20
N ALA A 232 -5.83 -1.87 -28.64
CA ALA A 232 -4.45 -2.18 -28.33
C ALA A 232 -4.33 -3.11 -27.13
N LYS A 233 -3.46 -4.10 -27.25
CA LYS A 233 -3.23 -5.10 -26.21
C LYS A 233 -2.71 -4.46 -24.93
N PRO A 234 -3.45 -4.64 -23.81
CA PRO A 234 -3.12 -4.04 -22.52
C PRO A 234 -1.98 -4.77 -21.81
N VAL A 235 -0.82 -4.86 -22.46
CA VAL A 235 0.34 -5.54 -21.89
C VAL A 235 0.99 -4.71 -20.79
N THR A 236 2.08 -5.22 -20.23
CA THR A 236 2.85 -4.46 -19.26
C THR A 236 3.47 -3.29 -19.99
N GLN A 237 3.20 -2.08 -19.53
CA GLN A 237 3.46 -0.90 -20.32
C GLN A 237 3.96 0.25 -19.45
N ILE A 238 4.76 1.11 -20.06
CA ILE A 238 5.20 2.33 -19.38
C ILE A 238 4.53 3.54 -20.03
N VAL A 239 3.84 4.34 -19.22
CA VAL A 239 3.08 5.47 -19.72
C VAL A 239 3.47 6.75 -19.00
N SER A 240 3.95 7.74 -19.75
CA SER A 240 4.47 8.97 -19.15
C SER A 240 3.76 10.22 -19.66
N ALA A 241 3.77 11.25 -18.82
CA ALA A 241 3.27 12.57 -19.20
C ALA A 241 4.30 13.60 -18.75
N GLU A 242 4.75 14.44 -19.68
CA GLU A 242 5.85 15.35 -19.38
C GLU A 242 5.44 16.82 -19.51
N ALA A 243 6.21 17.68 -18.86
CA ALA A 243 6.00 19.12 -18.93
C ALA A 243 7.31 19.87 -18.78
N TRP A 244 7.33 21.11 -19.23
CA TRP A 244 8.50 21.96 -19.09
C TRP A 244 8.18 23.16 -18.23
N GLY A 245 9.22 23.77 -17.66
CA GLY A 245 9.07 24.91 -16.77
C GLY A 245 8.53 26.14 -17.48
N ARG A 246 7.83 27.00 -16.73
CA ARG A 246 7.22 28.20 -17.31
C ARG A 246 8.08 29.43 -17.11
N ALA A 247 8.24 30.22 -18.17
CA ALA A 247 9.02 31.45 -18.08
C ALA A 247 8.40 32.42 -17.08
N ASP A 248 7.07 32.39 -17.01
CA ASP A 248 6.18 33.26 -16.19
C ASP A 248 5.97 34.66 -16.75
N ALA B 12 -8.82 -24.53 21.23
CA ALA B 12 -9.15 -23.50 20.26
C ALA B 12 -8.00 -22.49 20.10
N GLN B 13 -7.53 -22.34 18.88
CA GLN B 13 -6.44 -21.41 18.58
C GLN B 13 -6.94 -20.23 17.76
N LYS B 14 -6.92 -19.04 18.35
CA LYS B 14 -7.44 -17.85 17.68
C LYS B 14 -6.77 -16.55 18.12
N VAL B 15 -6.79 -15.56 17.23
CA VAL B 15 -6.26 -14.23 17.51
C VAL B 15 -7.23 -13.17 16.99
N THR B 16 -7.50 -12.15 17.79
CA THR B 16 -8.46 -11.13 17.41
C THR B 16 -7.96 -9.70 17.66
N GLN B 17 -7.97 -8.88 16.61
CA GLN B 17 -7.68 -7.46 16.73
C GLN B 17 -8.93 -6.65 16.42
N ALA B 18 -9.51 -6.03 17.44
CA ALA B 18 -10.79 -5.34 17.29
C ALA B 18 -10.66 -3.93 16.73
N GLN B 19 -9.46 -3.37 16.82
CA GLN B 19 -9.25 -1.95 16.51
C GLN B 19 -9.55 -1.54 15.07
N SER B 20 -10.36 -0.50 14.93
CA SER B 20 -10.52 0.22 13.67
C SER B 20 -9.24 1.01 13.44
N SER B 21 -9.02 1.44 12.21
CA SER B 21 -7.81 2.21 11.87
C SER B 21 -7.62 3.40 12.82
N VAL B 22 -6.44 3.50 13.41
CA VAL B 22 -6.16 4.51 14.42
C VAL B 22 -5.26 5.61 13.88
N SER B 23 -5.62 6.86 14.16
CA SER B 23 -4.84 8.01 13.75
C SER B 23 -4.26 8.73 14.97
N MET B 24 -2.93 8.85 14.99
CA MET B 24 -2.26 9.53 16.09
C MET B 24 -1.15 10.43 15.54
N PRO B 25 -0.98 11.62 16.12
CA PRO B 25 0.05 12.56 15.67
C PRO B 25 1.48 12.06 15.92
N VAL B 26 2.44 12.68 15.24
CA VAL B 26 3.85 12.35 15.42
C VAL B 26 4.26 12.71 16.86
N ARG B 27 5.27 12.00 17.38
CA ARG B 27 5.82 12.27 18.71
C ARG B 27 4.89 11.83 19.85
N LYS B 28 3.73 11.29 19.50
CA LYS B 28 2.76 10.85 20.49
C LYS B 28 2.63 9.33 20.47
N ALA B 29 2.20 8.76 21.60
CA ALA B 29 2.14 7.32 21.75
C ALA B 29 0.81 6.72 21.28
N VAL B 30 0.88 5.54 20.67
CA VAL B 30 -0.30 4.81 20.24
C VAL B 30 -0.19 3.35 20.67
N THR B 31 -1.31 2.76 21.06
CA THR B 31 -1.33 1.37 21.53
C THR B 31 -2.26 0.50 20.68
N LEU B 32 -1.74 -0.65 20.24
CA LEU B 32 -2.51 -1.57 19.43
C LEU B 32 -2.93 -2.80 20.23
N ASN B 33 -4.24 -3.01 20.33
CA ASN B 33 -4.77 -4.11 21.14
C ASN B 33 -4.92 -5.43 20.39
N CYS B 34 -4.36 -6.49 20.97
CA CYS B 34 -4.50 -7.83 20.43
C CYS B 34 -4.78 -8.81 21.55
N LEU B 35 -5.83 -9.61 21.39
CA LEU B 35 -6.16 -10.64 22.36
C LEU B 35 -6.26 -12.01 21.70
N TYR B 36 -5.84 -13.05 22.42
CA TYR B 36 -5.74 -14.38 21.84
C TYR B 36 -6.44 -15.43 22.69
N GLU B 37 -6.71 -16.58 22.09
CA GLU B 37 -7.22 -17.74 22.80
C GLU B 37 -6.41 -18.96 22.41
N THR B 38 -5.71 -19.56 23.38
CA THR B 38 -4.85 -20.70 23.10
C THR B 38 -4.91 -21.75 24.20
N SER B 39 -4.84 -23.02 23.80
CA SER B 39 -4.94 -24.13 24.73
C SER B 39 -3.57 -24.64 25.18
N TRP B 40 -2.51 -24.05 24.62
CA TRP B 40 -1.15 -24.50 24.91
C TRP B 40 -0.57 -23.83 26.15
N TRP B 41 0.17 -24.61 26.93
CA TRP B 41 0.77 -24.12 28.18
C TRP B 41 1.87 -23.10 27.90
N SER B 42 2.68 -23.38 26.88
CA SER B 42 3.75 -22.46 26.49
C SER B 42 3.60 -22.06 25.02
N TYR B 43 3.81 -20.77 24.74
CA TYR B 43 3.63 -20.25 23.38
C TYR B 43 4.40 -18.96 23.14
N TYR B 44 4.21 -18.39 21.95
CA TYR B 44 4.86 -17.14 21.59
C TYR B 44 3.88 -16.21 20.87
N ILE B 45 4.07 -14.91 21.04
CA ILE B 45 3.26 -13.91 20.36
C ILE B 45 4.15 -13.01 19.51
N PHE B 46 3.80 -12.86 18.24
CA PHE B 46 4.60 -12.08 17.31
C PHE B 46 3.84 -10.85 16.82
N TRP B 47 4.57 -9.78 16.53
CA TRP B 47 4.00 -8.59 15.92
C TRP B 47 4.71 -8.30 14.61
N TYR B 48 3.93 -8.07 13.55
CA TYR B 48 4.50 -7.79 12.24
C TYR B 48 3.99 -6.46 11.67
N LYS B 49 4.78 -5.87 10.79
CA LYS B 49 4.44 -4.60 10.17
C LYS B 49 4.34 -4.75 8.65
N GLN B 50 3.16 -4.48 8.10
CA GLN B 50 2.96 -4.60 6.66
C GLN B 50 2.99 -3.24 5.98
N LEU B 51 4.04 -3.01 5.20
CA LEU B 51 4.23 -1.75 4.50
C LEU B 51 3.26 -1.63 3.32
N PRO B 52 3.00 -0.40 2.84
CA PRO B 52 2.15 -0.17 1.67
C PRO B 52 2.63 -0.92 0.43
N SER B 53 3.90 -1.30 0.42
CA SER B 53 4.48 -2.05 -0.69
C SER B 53 4.22 -3.54 -0.51
N LYS B 54 3.47 -3.88 0.53
CA LYS B 54 3.13 -5.26 0.87
C LYS B 54 4.36 -6.06 1.31
N GLU B 55 5.28 -5.39 1.98
CA GLU B 55 6.44 -6.05 2.57
C GLU B 55 6.14 -6.36 4.04
N MET B 56 6.26 -7.64 4.39
CA MET B 56 5.94 -8.08 5.75
C MET B 56 7.20 -8.09 6.62
N ILE B 57 7.23 -7.22 7.63
CA ILE B 57 8.42 -7.05 8.45
C ILE B 57 8.19 -7.43 9.91
N PHE B 58 9.13 -8.20 10.47
CA PHE B 58 9.07 -8.58 11.88
C PHE B 58 9.32 -7.37 12.79
N LEU B 59 8.66 -7.36 13.94
CA LEU B 59 8.84 -6.28 14.91
C LEU B 59 9.43 -6.79 16.23
N ILE B 60 8.62 -7.51 17.00
CA ILE B 60 9.02 -7.98 18.31
C ILE B 60 8.31 -9.27 18.68
N ARG B 61 8.91 -10.06 19.56
CA ARG B 61 8.33 -11.33 19.99
C ARG B 61 8.15 -11.38 21.50
N GLN B 62 6.96 -11.80 21.93
CA GLN B 62 6.67 -11.94 23.36
C GLN B 62 6.57 -13.41 23.75
N GLY B 63 7.44 -13.84 24.66
CA GLY B 63 7.41 -15.20 25.16
C GLY B 63 6.37 -15.38 26.24
N SER B 64 5.75 -16.56 26.30
CA SER B 64 4.72 -16.85 27.28
C SER B 64 5.26 -16.76 28.70
N ASP B 65 6.41 -17.40 28.95
CA ASP B 65 7.02 -17.38 30.27
C ASP B 65 8.07 -16.28 30.38
N GLU B 66 8.32 -15.59 29.28
CA GLU B 66 9.25 -14.46 29.27
C GLU B 66 8.60 -13.22 29.88
N GLN B 67 9.44 -12.27 30.31
CA GLN B 67 8.94 -11.01 30.84
C GLN B 67 8.44 -10.13 29.68
N ASN B 68 7.95 -8.94 30.01
CA ASN B 68 7.45 -8.02 29.00
C ASN B 68 8.55 -7.61 28.01
N ALA B 69 8.27 -7.79 26.73
CA ALA B 69 9.26 -7.55 25.69
C ALA B 69 9.27 -6.10 25.21
N LYS B 70 10.44 -5.46 25.30
CA LYS B 70 10.61 -4.11 24.78
C LYS B 70 11.92 -4.01 24.00
N SER B 71 11.81 -3.69 22.71
CA SER B 71 12.98 -3.56 21.87
C SER B 71 12.88 -2.32 20.98
N GLY B 72 13.87 -1.45 21.08
CA GLY B 72 13.87 -0.21 20.32
C GLY B 72 12.75 0.71 20.76
N ARG B 73 11.93 1.13 19.81
CA ARG B 73 10.80 2.01 20.11
C ARG B 73 9.51 1.22 20.31
N TYR B 74 9.61 -0.11 20.22
CA TYR B 74 8.45 -0.97 20.39
C TYR B 74 8.40 -1.56 21.79
N SER B 75 7.20 -1.61 22.36
CA SER B 75 7.00 -2.17 23.69
C SER B 75 5.68 -2.92 23.77
N VAL B 76 5.71 -4.09 24.41
CA VAL B 76 4.51 -4.92 24.53
C VAL B 76 4.10 -5.07 25.99
N ASN B 77 2.84 -4.78 26.28
CA ASN B 77 2.29 -5.03 27.61
C ASN B 77 1.60 -6.38 27.64
N PHE B 78 2.19 -7.32 28.36
CA PHE B 78 1.72 -8.70 28.35
C PHE B 78 0.98 -9.09 29.62
N LYS B 79 -0.29 -9.44 29.48
CA LYS B 79 -1.09 -9.93 30.58
C LYS B 79 -1.44 -11.40 30.34
N LYS B 80 -0.83 -12.28 31.12
CA LYS B 80 -0.97 -13.72 30.91
C LYS B 80 -2.36 -14.25 31.23
N ALA B 81 -2.94 -13.74 32.31
CA ALA B 81 -4.27 -14.18 32.73
C ALA B 81 -5.34 -13.63 31.80
N ALA B 82 -5.15 -12.40 31.33
CA ALA B 82 -6.12 -11.75 30.46
C ALA B 82 -5.94 -12.17 29.00
N LYS B 83 -4.80 -12.81 28.72
CA LYS B 83 -4.45 -13.20 27.35
C LYS B 83 -4.49 -12.01 26.41
N SER B 84 -3.80 -10.94 26.79
CA SER B 84 -3.80 -9.70 26.02
C SER B 84 -2.41 -9.12 25.83
N VAL B 85 -2.02 -8.93 24.57
CA VAL B 85 -0.76 -8.28 24.25
C VAL B 85 -1.03 -6.94 23.56
N ALA B 86 -0.33 -5.90 24.00
CA ALA B 86 -0.54 -4.57 23.45
C ALA B 86 0.77 -3.95 22.98
N LEU B 87 0.89 -3.75 21.67
CA LEU B 87 2.07 -3.11 21.11
C LEU B 87 1.94 -1.59 21.19
N THR B 88 3.02 -0.93 21.60
CA THR B 88 3.01 0.52 21.73
C THR B 88 4.19 1.16 21.02
N ILE B 89 3.90 2.08 20.11
CA ILE B 89 4.94 2.84 19.41
C ILE B 89 5.02 4.24 19.97
N SER B 90 6.13 4.56 20.63
CA SER B 90 6.27 5.82 21.35
C SER B 90 6.54 7.04 20.47
N ALA B 91 7.51 6.92 19.56
CA ALA B 91 7.93 8.07 18.76
C ALA B 91 6.98 8.37 17.61
N LEU B 92 6.48 7.32 16.97
CA LEU B 92 5.53 7.44 15.86
C LEU B 92 6.03 8.35 14.74
N GLN B 93 7.03 7.89 13.99
CA GLN B 93 7.53 8.64 12.86
C GLN B 93 6.53 8.58 11.70
N LEU B 94 6.83 9.28 10.62
CA LEU B 94 5.97 9.27 9.44
C LEU B 94 6.12 7.96 8.68
N GLU B 95 7.26 7.31 8.88
CA GLU B 95 7.58 6.07 8.20
C GLU B 95 6.99 4.88 8.96
N ASP B 96 6.32 5.19 10.06
CA ASP B 96 5.70 4.15 10.88
C ASP B 96 4.27 3.86 10.45
N SER B 97 3.82 4.49 9.36
CA SER B 97 2.46 4.26 8.90
C SER B 97 2.40 2.94 8.16
N ALA B 98 1.69 1.98 8.74
CA ALA B 98 1.54 0.65 8.16
C ALA B 98 0.36 -0.06 8.82
N LYS B 99 -0.10 -1.15 8.21
CA LYS B 99 -1.03 -2.03 8.87
C LYS B 99 -0.26 -3.00 9.77
N TYR B 100 -0.66 -3.11 11.03
CA TYR B 100 0.06 -3.93 12.00
C TYR B 100 -0.71 -5.19 12.37
N PHE B 101 0.01 -6.31 12.44
CA PHE B 101 -0.61 -7.61 12.68
C PHE B 101 -0.13 -8.27 13.97
N CYS B 102 -1.02 -9.03 14.60
CA CYS B 102 -0.69 -9.79 15.81
C CYS B 102 -0.77 -11.28 15.50
N ALA B 103 0.32 -12.00 15.74
CA ALA B 103 0.40 -13.41 15.37
C ALA B 103 0.67 -14.33 16.57
N LEU B 104 0.20 -15.57 16.45
CA LEU B 104 0.38 -16.55 17.52
C LEU B 104 1.07 -17.80 16.98
N GLY B 105 2.14 -18.21 17.65
CA GLY B 105 2.80 -19.47 17.33
C GLY B 105 1.88 -20.62 17.66
N ASP B 106 1.62 -21.47 16.67
CA ASP B 106 0.67 -22.56 16.83
C ASP B 106 1.35 -23.92 16.90
N GLN B 107 1.30 -24.54 18.07
CA GLN B 107 1.85 -25.89 18.23
C GLN B 107 0.90 -26.96 17.71
N ILE B 108 1.46 -28.09 17.33
CA ILE B 108 0.68 -29.29 17.04
C ILE B 108 1.24 -30.46 17.84
N LEU B 109 2.51 -30.80 17.57
CA LEU B 109 3.22 -31.82 18.33
C LEU B 109 3.28 -31.43 19.80
N TYR B 110 3.16 -32.40 20.69
CA TYR B 110 3.09 -32.14 22.13
C TYR B 110 4.45 -31.88 22.76
N TRP B 111 5.51 -32.36 22.11
CA TRP B 111 6.85 -32.31 22.69
C TRP B 111 7.53 -30.96 22.52
N GLY B 112 6.97 -30.10 21.68
CA GLY B 112 7.50 -28.78 21.48
C GLY B 112 7.19 -28.20 20.11
N LEU B 113 7.64 -26.96 19.89
CA LEU B 113 7.42 -26.27 18.63
C LEU B 113 8.24 -26.87 17.50
N SER B 114 7.67 -26.85 16.29
CA SER B 114 8.34 -27.39 15.12
C SER B 114 8.45 -26.34 14.03
N HIS B 115 9.38 -26.55 13.11
CA HIS B 115 9.57 -25.62 11.99
C HIS B 115 8.45 -25.77 10.95
N THR B 116 7.60 -26.78 11.15
CA THR B 116 6.43 -26.96 10.31
C THR B 116 5.25 -26.13 10.80
N ASP B 117 5.37 -25.61 12.01
CA ASP B 117 4.29 -24.84 12.63
C ASP B 117 4.07 -23.49 11.97
N LYS B 118 2.88 -22.92 12.18
CA LYS B 118 2.47 -21.69 11.49
C LYS B 118 2.06 -20.58 12.45
N LEU B 119 1.97 -19.37 11.91
CA LEU B 119 1.47 -18.22 12.65
C LEU B 119 -0.05 -18.06 12.46
N ILE B 120 -0.74 -17.68 13.54
CA ILE B 120 -2.17 -17.37 13.46
C ILE B 120 -2.36 -15.86 13.50
N PHE B 121 -2.81 -15.29 12.38
CA PHE B 121 -2.87 -13.84 12.23
C PHE B 121 -4.21 -13.23 12.61
N GLY B 122 -4.17 -12.03 13.19
CA GLY B 122 -5.35 -11.25 13.43
C GLY B 122 -5.73 -10.48 12.17
N LYS B 123 -6.87 -9.79 12.22
CA LYS B 123 -7.36 -9.04 11.07
C LYS B 123 -6.42 -7.90 10.68
N GLY B 124 -5.67 -7.41 11.66
CA GLY B 124 -4.75 -6.31 11.43
C GLY B 124 -5.33 -4.97 11.79
N THR B 125 -4.48 -4.04 12.21
CA THR B 125 -4.90 -2.69 12.54
C THR B 125 -4.01 -1.67 11.84
N ARG B 126 -4.59 -0.87 10.97
CA ARG B 126 -3.83 0.12 10.21
C ARG B 126 -3.57 1.36 11.04
N VAL B 127 -2.36 1.89 10.93
CA VAL B 127 -1.97 3.09 11.66
C VAL B 127 -1.48 4.18 10.71
N THR B 128 -2.17 5.31 10.71
CA THR B 128 -1.78 6.45 9.89
C THR B 128 -1.44 7.64 10.78
N VAL B 129 -0.17 8.03 10.79
CA VAL B 129 0.28 9.11 11.64
C VAL B 129 0.06 10.48 11.01
N GLU B 130 -0.28 11.46 11.86
CA GLU B 130 -0.54 12.81 11.38
C GLU B 130 0.61 13.75 11.74
N PRO B 131 1.25 14.33 10.71
CA PRO B 131 2.29 15.34 10.98
C PRO B 131 1.66 16.60 11.55
N ASN B 132 2.23 17.14 12.63
CA ASN B 132 1.71 18.39 13.16
C ASN B 132 2.23 19.57 12.35
N ILE B 133 1.30 20.33 11.77
CA ILE B 133 1.68 21.39 10.85
C ILE B 133 2.01 22.69 11.58
N GLN B 134 3.24 23.16 11.39
CA GLN B 134 3.72 24.35 12.07
C GLN B 134 3.01 25.62 11.60
N ASN B 135 3.01 25.86 10.29
CA ASN B 135 2.42 27.06 9.75
C ASN B 135 1.30 26.78 8.74
N PRO B 136 0.07 26.57 9.23
CA PRO B 136 -1.08 26.32 8.37
C PRO B 136 -1.38 27.50 7.45
N ASP B 137 -1.55 27.22 6.17
CA ASP B 137 -1.94 28.23 5.20
C ASP B 137 -2.96 27.64 4.23
N PRO B 138 -4.15 27.30 4.73
CA PRO B 138 -5.15 26.59 3.94
C PRO B 138 -5.62 27.37 2.72
N ALA B 139 -5.59 26.73 1.56
CA ALA B 139 -6.03 27.37 0.32
C ALA B 139 -6.41 26.32 -0.73
N VAL B 140 -7.21 26.74 -1.70
CA VAL B 140 -7.58 25.88 -2.82
C VAL B 140 -7.14 26.51 -4.13
N TYR B 141 -6.17 25.88 -4.79
CA TYR B 141 -5.64 26.42 -6.04
C TYR B 141 -6.13 25.65 -7.25
N GLN B 142 -6.32 26.36 -8.36
CA GLN B 142 -6.75 25.75 -9.61
C GLN B 142 -5.58 25.57 -10.56
N LEU B 143 -5.29 24.33 -10.93
CA LEU B 143 -4.16 24.03 -11.79
C LEU B 143 -4.58 23.83 -13.24
N ARG B 144 -3.76 24.32 -14.16
CA ARG B 144 -4.03 24.18 -15.59
C ARG B 144 -3.29 22.99 -16.17
N ASP B 145 -3.95 22.28 -17.08
CA ASP B 145 -3.37 21.07 -17.67
C ASP B 145 -2.55 21.39 -18.91
N SER B 146 -1.98 20.33 -19.50
CA SER B 146 -1.36 20.44 -20.81
C SER B 146 -2.27 19.73 -21.81
N LYS B 147 -2.93 20.50 -22.66
CA LYS B 147 -3.93 19.95 -23.57
C LYS B 147 -3.97 20.71 -24.90
N SER B 152 -9.07 20.13 -16.15
CA SER B 152 -8.15 20.71 -15.18
C SER B 152 -8.50 20.30 -13.75
N VAL B 153 -7.61 20.61 -12.80
CA VAL B 153 -7.71 20.07 -11.45
C VAL B 153 -7.65 21.14 -10.36
N CYS B 154 -8.50 21.00 -9.34
CA CYS B 154 -8.45 21.83 -8.15
C CYS B 154 -7.57 21.16 -7.11
N LEU B 155 -6.75 21.94 -6.41
CA LEU B 155 -5.83 21.40 -5.41
C LEU B 155 -6.00 22.06 -4.05
N PHE B 156 -5.98 21.25 -3.00
CA PHE B 156 -6.12 21.72 -1.63
C PHE B 156 -4.87 21.38 -0.83
N THR B 157 -4.11 22.40 -0.45
CA THR B 157 -2.82 22.20 0.19
C THR B 157 -2.56 23.12 1.38
N ASP B 158 -1.50 22.81 2.13
CA ASP B 158 -1.04 23.64 3.24
C ASP B 158 -2.10 23.79 4.34
N PHE B 159 -2.83 22.71 4.61
CA PHE B 159 -3.87 22.73 5.62
C PHE B 159 -3.48 21.91 6.83
N ASP B 160 -4.00 22.31 8.00
CA ASP B 160 -3.70 21.62 9.25
C ASP B 160 -4.12 20.16 9.19
N SER B 161 -3.35 19.29 9.83
CA SER B 161 -3.61 17.86 9.78
C SER B 161 -4.79 17.45 10.66
N GLN B 162 -5.29 18.40 11.44
CA GLN B 162 -6.45 18.17 12.29
C GLN B 162 -7.73 18.25 11.46
N THR B 163 -7.59 18.63 10.20
CA THR B 163 -8.70 18.74 9.27
C THR B 163 -9.00 17.43 8.55
N ASN B 164 -10.25 16.98 8.64
CA ASN B 164 -10.72 15.82 7.90
C ASN B 164 -11.05 16.15 6.46
N VAL B 165 -10.88 15.15 5.63
CA VAL B 165 -11.26 15.24 4.25
C VAL B 165 -12.37 14.23 3.97
N SER B 166 -13.56 14.75 3.73
CA SER B 166 -14.70 13.92 3.37
C SER B 166 -14.74 13.76 1.85
N GLN B 167 -14.95 12.53 1.38
CA GLN B 167 -14.97 12.25 -0.05
C GLN B 167 -16.22 12.84 -0.71
N SER B 168 -16.14 13.00 -2.02
CA SER B 168 -17.20 13.65 -2.80
C SER B 168 -18.55 12.96 -2.71
N LYS B 169 -19.61 13.76 -2.67
CA LYS B 169 -20.98 13.25 -2.68
C LYS B 169 -21.41 12.90 -4.11
N ASP B 170 -20.98 13.72 -5.06
CA ASP B 170 -21.32 13.51 -6.47
C ASP B 170 -20.41 12.44 -7.06
N SER B 171 -20.99 11.48 -7.78
CA SER B 171 -20.23 10.39 -8.37
C SER B 171 -19.44 10.85 -9.59
N ASP B 172 -19.81 12.01 -10.13
CA ASP B 172 -19.13 12.56 -11.29
C ASP B 172 -17.81 13.22 -10.89
N VAL B 173 -17.73 13.68 -9.64
CA VAL B 173 -16.51 14.31 -9.14
C VAL B 173 -15.73 13.37 -8.22
N TYR B 174 -14.41 13.45 -8.29
CA TYR B 174 -13.55 12.56 -7.50
C TYR B 174 -12.63 13.34 -6.57
N ILE B 175 -12.60 12.94 -5.30
CA ILE B 175 -11.76 13.59 -4.30
C ILE B 175 -10.88 12.59 -3.57
N THR B 176 -9.57 12.83 -3.56
CA THR B 176 -8.62 11.98 -2.87
C THR B 176 -8.53 12.37 -1.40
N ASP B 177 -7.65 11.68 -0.67
CA ASP B 177 -7.44 11.99 0.75
C ASP B 177 -6.15 12.79 0.92
N LYS B 178 -5.84 13.16 2.15
CA LYS B 178 -4.65 13.97 2.44
C LYS B 178 -3.37 13.21 2.12
N CYS B 179 -2.36 13.95 1.67
CA CYS B 179 -1.08 13.35 1.30
C CYS B 179 0.06 14.20 1.84
N VAL B 180 1.00 13.56 2.54
CA VAL B 180 2.07 14.29 3.21
C VAL B 180 3.32 14.41 2.35
N LEU B 181 3.60 15.63 1.91
CA LEU B 181 4.80 15.89 1.13
C LEU B 181 5.91 16.41 2.04
N ASP B 182 7.12 15.93 1.82
CA ASP B 182 8.26 16.37 2.62
C ASP B 182 9.46 16.73 1.76
N MET B 183 9.90 17.98 1.85
CA MET B 183 11.09 18.41 1.16
C MET B 183 12.27 18.30 2.12
N ARG B 184 13.17 17.36 1.85
CA ARG B 184 14.28 17.07 2.74
C ARG B 184 15.26 18.23 2.86
N SER B 185 15.24 19.10 1.87
CA SER B 185 16.12 20.28 1.85
C SER B 185 15.59 21.36 2.78
N MET B 186 14.42 21.89 2.45
CA MET B 186 13.81 22.97 3.21
C MET B 186 13.31 22.54 4.59
N ASP B 187 13.27 21.23 4.82
CA ASP B 187 12.70 20.67 6.04
C ASP B 187 11.27 21.16 6.24
N PHE B 188 10.51 21.17 5.15
CA PHE B 188 9.16 21.72 5.14
C PHE B 188 8.16 20.65 4.72
N LYS B 189 7.17 20.40 5.55
CA LYS B 189 6.18 19.35 5.29
C LYS B 189 4.80 19.95 5.02
N SER B 190 4.05 19.32 4.13
CA SER B 190 2.74 19.82 3.74
C SER B 190 1.73 18.71 3.47
N ASN B 191 0.48 18.96 3.86
CA ASN B 191 -0.62 18.07 3.52
C ASN B 191 -1.31 18.55 2.25
N SER B 192 -1.73 17.62 1.40
CA SER B 192 -2.34 17.98 0.14
C SER B 192 -3.44 17.01 -0.29
N ALA B 193 -4.46 17.56 -0.95
CA ALA B 193 -5.56 16.75 -1.49
C ALA B 193 -5.83 17.16 -2.94
N VAL B 194 -6.38 16.23 -3.72
CA VAL B 194 -6.61 16.47 -5.13
C VAL B 194 -8.06 16.15 -5.52
N ALA B 195 -8.71 17.09 -6.19
CA ALA B 195 -10.08 16.89 -6.65
C ALA B 195 -10.23 17.32 -8.11
N TRP B 196 -10.89 16.49 -8.91
CA TRP B 196 -11.09 16.79 -10.33
C TRP B 196 -12.41 16.20 -10.83
N SER B 197 -12.87 16.70 -11.97
CA SER B 197 -14.13 16.23 -12.55
C SER B 197 -14.11 16.31 -14.07
N ASN B 198 -15.00 15.55 -14.70
CA ASN B 198 -15.12 15.55 -16.15
C ASN B 198 -16.13 16.61 -16.61
N LYS B 199 -16.78 17.24 -15.66
CA LYS B 199 -17.73 18.32 -15.95
C LYS B 199 -17.00 19.53 -16.49
N SER B 200 -17.52 20.10 -17.57
CA SER B 200 -16.87 21.22 -18.24
C SER B 200 -16.89 22.50 -17.40
N ASP B 201 -18.04 22.78 -16.77
CA ASP B 201 -18.22 24.03 -16.07
C ASP B 201 -17.96 23.94 -14.56
N PHE B 202 -17.55 22.77 -14.09
CA PHE B 202 -17.29 22.55 -12.67
C PHE B 202 -16.24 23.52 -12.14
N ALA B 203 -16.48 24.04 -10.93
CA ALA B 203 -15.64 25.10 -10.37
C ALA B 203 -14.92 24.68 -9.10
N CYS B 204 -13.82 25.37 -8.80
CA CYS B 204 -12.98 25.03 -7.65
C CYS B 204 -13.49 25.63 -6.34
N ALA B 205 -14.54 26.45 -6.43
CA ALA B 205 -15.12 27.03 -5.23
C ALA B 205 -16.04 26.04 -4.50
N ASN B 206 -16.81 25.28 -5.28
CA ASN B 206 -17.80 24.36 -4.74
C ASN B 206 -17.28 22.99 -4.28
N ALA B 207 -16.19 22.54 -4.89
CA ALA B 207 -15.75 21.14 -4.82
C ALA B 207 -15.68 20.49 -3.42
N PHE B 208 -15.14 21.22 -2.44
CA PHE B 208 -14.82 20.63 -1.14
C PHE B 208 -15.93 20.74 -0.09
N ASN B 209 -17.10 21.18 -0.53
CA ASN B 209 -18.24 21.47 0.37
C ASN B 209 -18.56 20.43 1.45
N ASN B 210 -18.48 19.15 1.11
CA ASN B 210 -18.85 18.10 2.06
C ASN B 210 -17.84 17.98 3.20
N SER B 211 -16.58 18.28 2.92
CA SER B 211 -15.53 18.21 3.92
C SER B 211 -15.56 19.42 4.84
N ILE B 212 -15.15 19.23 6.10
CA ILE B 212 -15.08 20.33 7.05
C ILE B 212 -13.74 21.05 6.90
N ILE B 213 -13.81 22.34 6.56
CA ILE B 213 -12.60 23.10 6.26
C ILE B 213 -12.55 24.41 7.05
N PRO B 214 -11.33 24.90 7.32
CA PRO B 214 -11.13 26.18 8.01
C PRO B 214 -11.82 27.35 7.32
N GLU B 215 -12.25 28.33 8.10
CA GLU B 215 -12.96 29.50 7.57
C GLU B 215 -11.98 30.49 6.94
N ASP B 216 -10.70 30.31 7.24
CA ASP B 216 -9.66 31.22 6.75
C ASP B 216 -9.10 30.76 5.41
N THR B 217 -9.69 29.69 4.86
CA THR B 217 -9.24 29.12 3.60
C THR B 217 -9.24 30.15 2.47
N PHE B 218 -8.09 30.27 1.81
CA PHE B 218 -7.91 31.27 0.75
C PHE B 218 -8.30 30.73 -0.63
N PHE B 219 -8.91 31.60 -1.44
CA PHE B 219 -9.20 31.28 -2.83
C PHE B 219 -8.61 32.35 -3.72
N PRO B 220 -8.05 31.94 -4.88
CA PRO B 220 -7.46 32.90 -5.82
C PRO B 220 -8.54 33.68 -6.54
N SER B 221 -8.21 34.87 -7.02
CA SER B 221 -9.16 35.65 -7.80
C SER B 221 -9.28 35.02 -9.17
N PRO B 222 -10.48 34.47 -9.48
CA PRO B 222 -10.72 33.65 -10.67
C PRO B 222 -10.51 34.41 -11.99
N GLU B 223 -9.78 33.78 -12.91
CA GLU B 223 -9.54 34.36 -14.23
C GLU B 223 -9.05 33.29 -15.20
#